data_3KAO
#
_entry.id   3KAO
#
_cell.length_a   84.704
_cell.length_b   84.704
_cell.length_c   202.759
_cell.angle_alpha   90.00
_cell.angle_beta   90.00
_cell.angle_gamma   90.00
#
_symmetry.space_group_name_H-M   'P 43 21 2'
#
loop_
_entity.id
_entity.type
_entity.pdbx_description
1 polymer 'Tagatose 1,6-diphosphate aldolase'
2 non-polymer 'SULFATE ION'
3 non-polymer 'ZINC ION'
4 non-polymer GLYCEROL
5 water water
#
_entity_poly.entity_id   1
_entity_poly.type   'polypeptide(L)'
_entity_poly.pdbx_seq_one_letter_code
;SNA(MSE)SKSNQKIASIEQLSNNEGIISALAFDQRGALKR(MSE)(MSE)AKHQTEEPTVAQIEQLKVLVAEELTQYAS
SILLDPEYGLPASDARNKDCGLLLAYEKTGYDVNAKGRLPDCLVEWSAKRLKEQGANAVKFLLYYDVDDAEEINIQKKAY
IERIGSECVAEDIPFFLEVLTYDDNIPDNGSVEFAKVKPRKVNEA(MSE)KLFSEPRFNVDVLKVEVPVN(MSE)KYVEG
FAEGEVVYTKEEAAQHFKDQDAATHLPYIYLSAGVSAELFQETLKFAHEAGAKFNGVLCGRATWSGAVQVYIEQGEDAAR
EWLRTTGFKNIDDLNKVLKDTATSWKQRK
;
_entity_poly.pdbx_strand_id   A
#
loop_
_chem_comp.id
_chem_comp.type
_chem_comp.name
_chem_comp.formula
GOL non-polymer GLYCEROL 'C3 H8 O3'
SO4 non-polymer 'SULFATE ION' 'O4 S -2'
ZN non-polymer 'ZINC ION' 'Zn 2'
#
# COMPACT_ATOMS: atom_id res chain seq x y z
N SER A 5 -0.35 7.75 23.40
N SER A 5 0.58 8.09 24.20
CA SER A 5 -0.18 9.24 23.62
CA SER A 5 -0.30 8.07 22.99
C SER A 5 0.44 9.95 22.41
C SER A 5 0.42 8.63 21.76
N LYS A 6 -0.12 9.72 21.22
CA LYS A 6 0.39 10.28 19.95
C LYS A 6 0.41 11.80 19.98
N SER A 7 1.40 12.42 19.33
CA SER A 7 1.50 13.87 19.37
C SER A 7 0.29 14.51 18.69
N ASN A 8 -0.07 15.72 19.14
CA ASN A 8 -1.21 16.45 18.55
C ASN A 8 -1.10 16.59 17.02
N GLN A 9 0.09 16.92 16.53
CA GLN A 9 0.27 17.12 15.10
C GLN A 9 0.16 15.82 14.32
N LYS A 10 0.71 14.73 14.87
CA LYS A 10 0.56 13.43 14.17
C LYS A 10 -0.91 13.02 14.10
N ILE A 11 -1.65 13.24 15.19
CA ILE A 11 -3.09 12.98 15.17
C ILE A 11 -3.79 13.81 14.09
N ALA A 12 -3.50 15.11 14.07
CA ALA A 12 -4.08 16.03 13.09
C ALA A 12 -3.78 15.60 11.66
N SER A 13 -2.54 15.18 11.42
CA SER A 13 -2.13 14.75 10.09
C SER A 13 -2.83 13.45 9.65
N ILE A 14 -3.00 12.50 10.58
CA ILE A 14 -3.70 11.26 10.19
C ILE A 14 -5.21 11.56 9.95
N GLU A 15 -5.80 12.47 10.74
CA GLU A 15 -7.17 12.94 10.43
C GLU A 15 -7.29 13.47 8.98
N GLN A 16 -6.27 14.21 8.53
N GLN A 16 -6.27 14.20 8.52
CA GLN A 16 -6.26 14.73 7.15
CA GLN A 16 -6.23 14.74 7.15
C GLN A 16 -6.13 13.64 6.09
C GLN A 16 -5.98 13.68 6.07
N LEU A 17 -5.66 12.46 6.48
CA LEU A 17 -5.53 11.33 5.56
C LEU A 17 -6.75 10.43 5.54
N SER A 18 -7.70 10.68 6.46
N SER A 18 -7.69 10.65 6.46
CA SER A 18 -8.83 9.78 6.67
CA SER A 18 -8.83 9.74 6.62
C SER A 18 -10.13 10.45 6.27
C SER A 18 -10.14 10.44 6.36
N ASN A 19 -11.19 9.65 6.13
CA ASN A 19 -12.50 10.20 5.78
C ASN A 19 -13.27 10.62 7.04
N ASN A 20 -14.55 11.01 6.88
CA ASN A 20 -15.30 11.58 8.01
C ASN A 20 -15.65 10.55 9.10
N GLU A 21 -15.44 9.27 8.82
CA GLU A 21 -15.60 8.20 9.83
C GLU A 21 -14.27 7.72 10.44
N GLY A 22 -13.15 8.36 10.05
CA GLY A 22 -11.82 7.94 10.53
C GLY A 22 -11.23 6.75 9.79
N ILE A 23 -11.86 6.36 8.67
CA ILE A 23 -11.35 5.28 7.85
C ILE A 23 -10.33 5.87 6.86
N ILE A 24 -9.19 5.20 6.71
CA ILE A 24 -8.20 5.63 5.70
C ILE A 24 -8.67 5.03 4.37
N SER A 25 -9.34 5.83 3.55
N SER A 25 -9.35 5.85 3.58
CA SER A 25 -9.92 5.34 2.31
CA SER A 25 -9.91 5.42 2.31
C SER A 25 -9.11 5.88 1.13
C SER A 25 -9.03 6.04 1.24
N ALA A 26 -7.84 5.47 1.10
CA ALA A 26 -6.80 6.11 0.32
C ALA A 26 -6.51 5.44 -1.00
N LEU A 27 -6.01 6.28 -1.91
N LEU A 27 -6.11 6.26 -1.98
CA LEU A 27 -5.67 5.92 -3.27
CA LEU A 27 -5.72 5.77 -3.29
C LEU A 27 -4.15 5.83 -3.38
C LEU A 27 -4.20 5.79 -3.37
N ALA A 28 -3.61 4.70 -3.87
CA ALA A 28 -2.14 4.55 -3.96
C ALA A 28 -1.68 4.68 -5.40
N PHE A 29 -0.77 5.61 -5.68
CA PHE A 29 -0.15 5.67 -7.00
C PHE A 29 1.30 6.12 -6.88
N ASP A 30 2.07 5.44 -6.03
CA ASP A 30 3.51 5.73 -5.97
C ASP A 30 4.31 4.77 -6.84
N GLN A 31 3.62 3.91 -7.61
CA GLN A 31 4.30 2.95 -8.48
C GLN A 31 5.22 3.64 -9.50
N ARG A 32 6.40 3.06 -9.65
CA ARG A 32 7.43 3.59 -10.54
C ARG A 32 7.90 2.45 -11.45
N GLY A 33 8.84 1.63 -10.95
CA GLY A 33 9.25 0.41 -11.66
C GLY A 33 8.05 -0.46 -12.04
N ALA A 34 7.14 -0.66 -11.09
CA ALA A 34 5.95 -1.48 -11.36
C ALA A 34 5.04 -0.88 -12.44
N LEU A 35 4.88 0.44 -12.44
CA LEU A 35 4.11 1.09 -13.49
C LEU A 35 4.80 0.91 -14.84
N LYS A 36 6.12 1.05 -14.87
CA LYS A 36 6.83 0.88 -16.14
C LYS A 36 6.63 -0.53 -16.71
N ARG A 37 6.64 -1.54 -15.84
CA ARG A 37 6.38 -2.92 -16.32
C ARG A 37 5.00 -3.05 -16.96
N MSE A 38 4.00 -2.39 -16.36
CA MSE A 38 2.63 -2.39 -16.89
C MSE A 38 2.60 -1.70 -18.25
O MSE A 38 1.99 -2.21 -19.19
CB MSE A 38 1.66 -1.70 -15.94
CG MSE A 38 1.53 -2.39 -14.60
SE MSE A 38 0.57 -1.28 -13.30
CE MSE A 38 -1.16 -1.47 -14.09
N MSE A 39 3.26 -0.55 -18.36
CA MSE A 39 3.29 0.20 -19.60
C MSE A 39 4.03 -0.54 -20.71
O MSE A 39 3.62 -0.49 -21.89
CB MSE A 39 3.93 1.58 -19.37
CG MSE A 39 3.14 2.45 -18.40
SE MSE A 39 4.14 4.09 -18.02
CE MSE A 39 3.71 5.01 -19.64
N ALA A 40 5.10 -1.26 -20.34
CA ALA A 40 5.92 -2.00 -21.33
C ALA A 40 5.14 -3.09 -22.06
N LYS A 41 4.03 -3.54 -21.49
CA LYS A 41 3.19 -4.53 -22.18
C LYS A 41 2.44 -3.94 -23.37
N HIS A 42 2.35 -2.62 -23.43
CA HIS A 42 1.51 -1.98 -24.45
C HIS A 42 2.25 -1.02 -25.37
N GLN A 43 3.55 -0.87 -25.18
CA GLN A 43 4.36 -0.04 -26.11
C GLN A 43 5.75 -0.62 -26.21
N THR A 44 6.41 -0.35 -27.33
CA THR A 44 7.76 -0.85 -27.51
C THR A 44 8.81 0.11 -26.92
N GLU A 45 8.49 1.40 -26.82
CA GLU A 45 9.43 2.39 -26.28
C GLU A 45 9.49 2.31 -24.76
N GLU A 46 10.63 2.70 -24.19
N GLU A 46 10.64 2.69 -24.17
CA GLU A 46 10.73 2.92 -22.75
CA GLU A 46 10.72 2.85 -22.71
C GLU A 46 9.83 4.11 -22.40
C GLU A 46 9.89 4.10 -22.37
N PRO A 47 9.14 4.07 -21.25
CA PRO A 47 8.31 5.21 -20.84
C PRO A 47 9.13 6.48 -20.56
N THR A 48 8.54 7.64 -20.84
CA THR A 48 9.20 8.91 -20.52
C THR A 48 8.76 9.39 -19.15
N VAL A 49 9.57 10.25 -18.56
CA VAL A 49 9.22 10.96 -17.32
C VAL A 49 7.90 11.73 -17.51
N ALA A 50 7.80 12.48 -18.61
CA ALA A 50 6.62 13.32 -18.86
C ALA A 50 5.34 12.50 -18.92
N GLN A 51 5.43 11.36 -19.61
N GLN A 51 5.37 11.34 -19.57
CA GLN A 51 4.35 10.38 -19.77
CA GLN A 51 4.15 10.54 -19.69
C GLN A 51 3.83 9.90 -18.41
C GLN A 51 3.77 9.79 -18.39
N ILE A 52 4.76 9.44 -17.59
CA ILE A 52 4.47 8.90 -16.23
C ILE A 52 3.87 10.01 -15.35
N GLU A 53 4.47 11.20 -15.36
CA GLU A 53 3.92 12.32 -14.57
C GLU A 53 2.45 12.58 -14.95
N GLN A 54 2.19 12.59 -16.25
CA GLN A 54 0.86 12.94 -16.75
C GLN A 54 -0.18 11.87 -16.37
N LEU A 55 0.22 10.59 -16.41
CA LEU A 55 -0.71 9.54 -16.00
C LEU A 55 -1.11 9.67 -14.53
N LYS A 56 -0.13 10.01 -13.69
CA LYS A 56 -0.40 10.25 -12.29
C LYS A 56 -1.32 11.48 -12.11
N VAL A 57 -1.09 12.53 -12.88
CA VAL A 57 -1.96 13.70 -12.88
C VAL A 57 -3.42 13.33 -13.23
N LEU A 58 -3.59 12.51 -14.27
N LEU A 58 -3.60 12.53 -14.29
CA LEU A 58 -4.93 12.11 -14.69
CA LEU A 58 -4.96 12.11 -14.68
C LEU A 58 -5.67 11.40 -13.55
C LEU A 58 -5.67 11.42 -13.52
N VAL A 59 -4.98 10.48 -12.88
CA VAL A 59 -5.58 9.73 -11.77
C VAL A 59 -5.93 10.65 -10.60
N ALA A 60 -5.02 11.56 -10.25
CA ALA A 60 -5.29 12.55 -9.18
C ALA A 60 -6.46 13.46 -9.54
N GLU A 61 -6.46 13.97 -10.77
CA GLU A 61 -7.52 14.86 -11.20
C GLU A 61 -8.90 14.20 -11.18
N GLU A 62 -8.97 12.95 -11.61
CA GLU A 62 -10.27 12.31 -11.81
C GLU A 62 -10.78 11.57 -10.58
N LEU A 63 -9.88 11.06 -9.74
CA LEU A 63 -10.31 10.17 -8.66
C LEU A 63 -10.11 10.65 -7.22
N THR A 64 -9.30 11.69 -7.01
CA THR A 64 -9.05 12.11 -5.61
C THR A 64 -10.26 12.70 -4.91
N GLN A 65 -11.24 13.21 -5.66
CA GLN A 65 -12.52 13.59 -5.05
C GLN A 65 -13.22 12.43 -4.34
N TYR A 66 -12.84 11.19 -4.63
CA TYR A 66 -13.46 10.02 -3.99
C TYR A 66 -12.54 9.34 -2.98
N ALA A 67 -11.39 9.94 -2.70
CA ALA A 67 -10.43 9.35 -1.75
C ALA A 67 -10.14 10.30 -0.60
N SER A 68 -9.86 9.75 0.57
CA SER A 68 -9.52 10.60 1.72
C SER A 68 -8.07 11.09 1.64
N SER A 69 -7.22 10.32 0.96
CA SER A 69 -5.83 10.75 0.68
C SER A 69 -5.27 10.00 -0.52
N ILE A 70 -4.13 10.51 -1.04
CA ILE A 70 -3.46 9.85 -2.15
C ILE A 70 -1.97 9.69 -1.77
N LEU A 71 -1.44 8.50 -2.03
CA LEU A 71 -0.02 8.21 -1.86
C LEU A 71 0.64 8.42 -3.24
N LEU A 72 1.67 9.25 -3.30
CA LEU A 72 2.42 9.51 -4.54
C LEU A 72 3.91 9.40 -4.23
N ASP A 73 4.73 9.28 -5.27
CA ASP A 73 6.19 9.26 -5.10
C ASP A 73 6.69 10.66 -5.47
N PRO A 74 7.80 11.10 -4.89
CA PRO A 74 8.32 12.42 -5.23
C PRO A 74 9.11 12.50 -6.55
N GLU A 75 9.41 11.36 -7.17
CA GLU A 75 10.17 11.34 -8.43
C GLU A 75 9.33 11.79 -9.64
N TYR A 76 8.10 11.30 -9.71
CA TYR A 76 7.19 11.64 -10.81
C TYR A 76 5.85 12.22 -10.35
N GLY A 77 5.57 12.10 -9.05
CA GLY A 77 4.22 12.40 -8.56
C GLY A 77 3.97 13.80 -8.03
N LEU A 78 4.96 14.69 -8.08
CA LEU A 78 4.73 16.03 -7.53
C LEU A 78 3.69 16.89 -8.30
N PRO A 79 3.68 16.83 -9.64
CA PRO A 79 2.59 17.53 -10.36
C PRO A 79 1.21 16.97 -9.99
N ALA A 80 1.11 15.65 -9.90
CA ALA A 80 -0.14 15.01 -9.47
C ALA A 80 -0.53 15.47 -8.06
N SER A 81 0.44 15.64 -7.16
CA SER A 81 0.10 16.12 -5.80
C SER A 81 -0.55 17.50 -5.84
N ASP A 82 -0.06 18.38 -6.71
N ASP A 82 -0.07 18.36 -6.74
CA ASP A 82 -0.65 19.71 -6.85
CA ASP A 82 -0.59 19.70 -6.91
C ASP A 82 -2.08 19.64 -7.39
C ASP A 82 -1.99 19.71 -7.54
N ALA A 83 -2.38 18.59 -8.16
CA ALA A 83 -3.69 18.46 -8.82
C ALA A 83 -4.75 17.76 -7.95
N ARG A 84 -4.38 17.31 -6.75
CA ARG A 84 -5.32 16.55 -5.92
C ARG A 84 -6.46 17.44 -5.41
N ASN A 85 -7.61 16.81 -5.19
CA ASN A 85 -8.77 17.46 -4.61
C ASN A 85 -8.40 18.21 -3.31
N LYS A 86 -9.03 19.36 -3.08
CA LYS A 86 -8.70 20.17 -1.89
C LYS A 86 -8.91 19.44 -0.54
N ASP A 87 -9.78 18.42 -0.51
CA ASP A 87 -10.04 17.70 0.74
C ASP A 87 -9.27 16.40 0.87
N CYS A 88 -8.41 16.11 -0.10
CA CYS A 88 -7.69 14.85 -0.16
C CYS A 88 -6.29 15.08 0.41
N GLY A 89 -5.92 14.29 1.42
CA GLY A 89 -4.57 14.43 2.03
C GLY A 89 -3.48 13.80 1.15
N LEU A 90 -2.24 13.91 1.61
CA LEU A 90 -1.08 13.47 0.79
C LEU A 90 -0.12 12.63 1.61
N LEU A 91 0.24 11.44 1.09
CA LEU A 91 1.38 10.69 1.60
C LEU A 91 2.45 10.70 0.49
N LEU A 92 3.72 10.77 0.87
CA LEU A 92 4.79 10.70 -0.12
C LEU A 92 5.71 9.53 0.23
N ALA A 93 6.01 8.72 -0.78
CA ALA A 93 6.93 7.59 -0.64
C ALA A 93 8.37 8.06 -0.49
N TYR A 94 9.15 7.31 0.26
CA TYR A 94 10.52 7.74 0.62
C TYR A 94 11.58 6.76 0.12
N GLU A 95 11.18 5.52 -0.18
CA GLU A 95 12.13 4.50 -0.64
C GLU A 95 12.38 4.61 -2.16
N LYS A 96 13.55 4.14 -2.61
CA LYS A 96 13.81 3.99 -4.03
C LYS A 96 12.91 2.87 -4.55
N THR A 97 12.61 2.91 -5.84
CA THR A 97 11.67 1.94 -6.40
C THR A 97 12.32 0.55 -6.52
N GLY A 98 11.53 -0.49 -6.24
CA GLY A 98 11.94 -1.90 -6.47
C GLY A 98 13.14 -2.30 -5.63
N TYR A 99 13.97 -3.19 -6.17
CA TYR A 99 15.19 -3.67 -5.51
C TYR A 99 16.09 -4.26 -6.56
N ASP A 100 17.37 -4.37 -6.24
CA ASP A 100 18.37 -4.95 -7.15
C ASP A 100 18.31 -6.47 -7.03
N VAL A 101 17.86 -7.13 -8.10
N VAL A 101 17.87 -7.13 -8.10
CA VAL A 101 17.77 -8.59 -8.13
CA VAL A 101 17.77 -8.59 -8.11
C VAL A 101 19.16 -9.24 -7.97
C VAL A 101 19.15 -9.26 -8.04
N ASN A 102 20.21 -8.51 -8.31
CA ASN A 102 21.58 -9.02 -8.23
C ASN A 102 22.30 -8.79 -6.90
N ALA A 103 21.64 -8.09 -5.96
CA ALA A 103 22.22 -7.87 -4.65
C ALA A 103 21.41 -8.64 -3.59
N LYS A 104 22.10 -9.30 -2.66
CA LYS A 104 21.43 -10.09 -1.63
C LYS A 104 20.76 -9.19 -0.57
N GLY A 105 19.51 -9.50 -0.24
CA GLY A 105 18.87 -8.93 0.94
C GLY A 105 17.78 -7.87 0.80
N ARG A 106 17.54 -7.37 -0.43
CA ARG A 106 16.54 -6.30 -0.66
C ARG A 106 16.68 -5.18 0.39
N LEU A 107 17.91 -4.74 0.59
CA LEU A 107 18.21 -3.85 1.69
C LEU A 107 17.65 -2.46 1.46
N PRO A 108 17.05 -1.85 2.49
CA PRO A 108 16.28 -0.61 2.29
C PRO A 108 17.18 0.59 2.04
N ASP A 109 16.69 1.54 1.23
CA ASP A 109 17.53 2.64 0.74
C ASP A 109 16.60 3.79 0.35
N CYS A 110 16.68 4.91 1.07
CA CYS A 110 15.90 6.13 0.77
C CYS A 110 16.30 6.80 -0.55
N LEU A 111 15.33 7.45 -1.19
CA LEU A 111 15.64 8.34 -2.33
C LEU A 111 16.73 9.35 -1.95
N VAL A 112 17.75 9.48 -2.81
CA VAL A 112 18.96 10.26 -2.41
C VAL A 112 18.75 11.76 -2.21
N GLU A 113 17.73 12.34 -2.85
CA GLU A 113 17.53 13.80 -2.69
C GLU A 113 16.56 14.19 -1.57
N TRP A 114 16.10 13.23 -0.80
CA TRP A 114 14.98 13.44 0.12
C TRP A 114 15.33 13.15 1.57
N SER A 115 14.56 13.76 2.46
CA SER A 115 14.63 13.55 3.90
C SER A 115 13.20 13.72 4.38
N ALA A 116 12.90 13.26 5.59
CA ALA A 116 11.52 13.48 6.09
C ALA A 116 11.18 14.98 6.12
N LYS A 117 12.16 15.81 6.48
CA LYS A 117 11.95 17.27 6.48
C LYS A 117 11.54 17.78 5.10
N ARG A 118 12.25 17.37 4.05
CA ARG A 118 11.91 17.83 2.69
C ARG A 118 10.55 17.29 2.20
N LEU A 119 10.19 16.07 2.61
CA LEU A 119 8.87 15.53 2.24
C LEU A 119 7.74 16.33 2.89
N LYS A 120 7.94 16.66 4.17
CA LYS A 120 7.02 17.54 4.89
C LYS A 120 6.92 18.91 4.22
N GLU A 121 8.05 19.46 3.82
CA GLU A 121 8.07 20.76 3.13
C GLU A 121 7.34 20.75 1.77
N GLN A 122 7.21 19.58 1.15
CA GLN A 122 6.42 19.45 -0.09
C GLN A 122 4.95 19.35 0.21
N GLY A 123 4.58 19.31 1.47
CA GLY A 123 3.15 19.28 1.82
C GLY A 123 2.63 17.91 2.20
N ALA A 124 3.52 16.92 2.37
CA ALA A 124 3.05 15.58 2.76
C ALA A 124 2.41 15.62 4.16
N ASN A 125 1.30 14.92 4.34
CA ASN A 125 0.72 14.68 5.66
C ASN A 125 1.27 13.41 6.32
N ALA A 126 2.05 12.64 5.57
CA ALA A 126 2.71 11.43 6.09
C ALA A 126 3.86 11.05 5.18
N VAL A 127 4.85 10.40 5.78
CA VAL A 127 5.96 9.79 5.09
C VAL A 127 5.65 8.29 5.02
N LYS A 128 5.75 7.71 3.83
CA LYS A 128 5.56 6.28 3.64
C LYS A 128 6.88 5.66 3.24
N PHE A 129 7.25 4.55 3.86
CA PHE A 129 8.44 3.81 3.45
C PHE A 129 8.11 2.32 3.31
N LEU A 130 8.52 1.74 2.17
N LEU A 130 8.52 1.72 2.18
CA LEU A 130 8.35 0.32 1.89
CA LEU A 130 8.26 0.29 1.89
C LEU A 130 9.58 -0.45 2.32
C LEU A 130 9.52 -0.55 2.18
N LEU A 131 9.38 -1.49 3.12
CA LEU A 131 10.45 -2.42 3.47
C LEU A 131 10.07 -3.84 3.03
N TYR A 132 10.97 -4.48 2.30
CA TYR A 132 10.88 -5.92 2.04
C TYR A 132 11.46 -6.65 3.23
N TYR A 133 10.70 -7.57 3.82
CA TYR A 133 11.16 -8.23 5.05
C TYR A 133 10.84 -9.70 5.10
N ASP A 134 11.86 -10.51 5.38
CA ASP A 134 11.67 -11.94 5.62
C ASP A 134 12.11 -12.24 7.06
N VAL A 135 11.15 -12.53 7.93
CA VAL A 135 11.45 -12.82 9.34
C VAL A 135 12.44 -13.96 9.54
N ASP A 136 12.57 -14.85 8.55
CA ASP A 136 13.49 -15.99 8.64
C ASP A 136 14.85 -15.73 8.01
N ASP A 137 15.11 -14.50 7.60
CA ASP A 137 16.38 -14.17 6.96
C ASP A 137 17.54 -14.25 7.96
N ALA A 138 18.77 -14.20 7.46
CA ALA A 138 19.94 -14.12 8.33
C ALA A 138 19.90 -12.84 9.16
N GLU A 139 20.32 -12.93 10.41
CA GLU A 139 20.35 -11.73 11.26
C GLU A 139 21.27 -10.62 10.71
N GLU A 140 22.34 -11.01 10.00
N GLU A 140 22.34 -10.99 10.01
CA GLU A 140 23.25 -10.05 9.37
CA GLU A 140 23.25 -9.98 9.42
C GLU A 140 22.51 -9.14 8.38
C GLU A 140 22.52 -9.10 8.40
N ILE A 141 21.46 -9.67 7.76
N ILE A 141 21.47 -9.65 7.78
CA ILE A 141 20.61 -8.89 6.86
CA ILE A 141 20.62 -8.89 6.87
C ILE A 141 19.58 -8.11 7.67
C ILE A 141 19.57 -8.10 7.67
N ASN A 142 18.86 -8.80 8.55
CA ASN A 142 17.76 -8.15 9.27
C ASN A 142 18.15 -7.05 10.25
N ILE A 143 19.34 -7.13 10.82
CA ILE A 143 19.83 -6.05 11.69
C ILE A 143 19.93 -4.72 10.92
N GLN A 144 20.35 -4.79 9.65
CA GLN A 144 20.44 -3.60 8.82
C GLN A 144 19.06 -3.01 8.58
N LYS A 145 18.09 -3.89 8.37
CA LYS A 145 16.71 -3.45 8.14
C LYS A 145 16.11 -2.80 9.39
N LYS A 146 16.31 -3.42 10.56
CA LYS A 146 15.80 -2.82 11.80
C LYS A 146 16.45 -1.46 12.07
N ALA A 147 17.76 -1.38 11.90
CA ALA A 147 18.47 -0.11 12.10
C ALA A 147 17.92 0.96 11.16
N TYR A 148 17.67 0.58 9.90
CA TYR A 148 17.23 1.55 8.90
C TYR A 148 15.85 2.11 9.26
N ILE A 149 14.95 1.23 9.68
CA ILE A 149 13.61 1.69 10.06
C ILE A 149 13.68 2.57 11.30
N GLU A 150 14.55 2.23 12.25
CA GLU A 150 14.74 3.10 13.43
C GLU A 150 15.11 4.53 13.02
N ARG A 151 16.03 4.67 12.04
CA ARG A 151 16.39 6.01 11.56
C ARG A 151 15.16 6.78 11.04
N ILE A 152 14.39 6.14 10.18
CA ILE A 152 13.25 6.82 9.55
C ILE A 152 12.20 7.18 10.60
N GLY A 153 11.95 6.24 11.51
CA GLY A 153 10.98 6.45 12.59
C GLY A 153 11.40 7.63 13.45
N SER A 154 12.70 7.74 13.71
CA SER A 154 13.23 8.88 14.48
C SER A 154 13.09 10.21 13.72
N GLU A 155 13.41 10.21 12.42
CA GLU A 155 13.24 11.44 11.61
C GLU A 155 11.80 11.94 11.70
N CYS A 156 10.84 11.00 11.60
CA CYS A 156 9.41 11.36 11.58
C CYS A 156 8.91 11.85 12.94
N VAL A 157 9.48 11.34 14.02
CA VAL A 157 9.24 11.95 15.33
C VAL A 157 9.69 13.41 15.39
N ALA A 158 10.93 13.67 14.94
CA ALA A 158 11.49 15.04 15.00
C ALA A 158 10.70 15.99 14.11
N GLU A 159 10.31 15.52 12.92
CA GLU A 159 9.58 16.36 11.95
C GLU A 159 8.07 16.39 12.25
N ASP A 160 7.68 15.59 13.25
CA ASP A 160 6.30 15.52 13.75
C ASP A 160 5.33 15.22 12.61
N ILE A 161 5.62 14.15 11.89
CA ILE A 161 4.85 13.76 10.71
C ILE A 161 4.63 12.25 10.81
N PRO A 162 3.40 11.76 10.56
CA PRO A 162 3.10 10.33 10.68
C PRO A 162 3.99 9.47 9.77
N PHE A 163 4.45 8.34 10.33
CA PHE A 163 5.28 7.39 9.64
C PHE A 163 4.42 6.15 9.28
N PHE A 164 4.17 5.97 7.98
CA PHE A 164 3.46 4.79 7.46
C PHE A 164 4.53 3.82 6.97
N LEU A 165 4.61 2.65 7.61
CA LEU A 165 5.56 1.63 7.17
C LEU A 165 4.81 0.56 6.41
N GLU A 166 5.19 0.37 5.15
CA GLU A 166 4.65 -0.70 4.34
C GLU A 166 5.63 -1.85 4.40
N VAL A 167 5.12 -3.03 4.69
CA VAL A 167 5.94 -4.23 4.72
C VAL A 167 5.45 -5.19 3.63
N LEU A 168 6.38 -5.60 2.76
CA LEU A 168 6.11 -6.70 1.81
C LEU A 168 6.99 -7.87 2.15
N THR A 169 6.38 -9.04 2.24
CA THR A 169 7.10 -10.25 2.64
C THR A 169 7.67 -11.00 1.42
N TYR A 170 8.71 -11.78 1.66
CA TYR A 170 9.34 -12.61 0.65
C TYR A 170 10.19 -13.67 1.34
N ASP A 171 10.74 -14.59 0.56
CA ASP A 171 11.61 -15.63 1.09
C ASP A 171 12.48 -16.09 -0.06
N ASP A 172 13.79 -15.86 0.05
CA ASP A 172 14.71 -16.26 -1.03
C ASP A 172 14.73 -17.76 -1.33
N ASN A 173 14.28 -18.58 -0.39
CA ASN A 173 14.08 -20.02 -0.62
C ASN A 173 12.83 -20.35 -1.44
N ILE A 174 11.88 -19.41 -1.50
CA ILE A 174 10.64 -19.58 -2.27
C ILE A 174 10.49 -18.35 -3.14
N PRO A 175 11.20 -18.32 -4.29
CA PRO A 175 11.34 -17.07 -5.05
C PRO A 175 10.04 -16.56 -5.69
N ASP A 176 9.04 -17.41 -5.87
CA ASP A 176 7.75 -16.98 -6.42
C ASP A 176 6.72 -16.74 -5.31
N ASN A 177 6.47 -15.47 -5.00
N ASN A 177 6.46 -15.48 -4.98
CA ASN A 177 5.49 -15.03 -4.01
CA ASN A 177 5.52 -15.17 -3.90
C ASN A 177 4.09 -15.55 -4.24
C ASN A 177 4.04 -15.36 -4.27
N GLY A 178 3.77 -15.76 -5.51
CA GLY A 178 2.43 -16.15 -5.92
C GLY A 178 2.18 -17.66 -5.91
N SER A 179 3.18 -18.43 -5.48
CA SER A 179 3.12 -19.90 -5.54
C SER A 179 2.34 -20.52 -4.37
N VAL A 180 1.99 -21.80 -4.52
CA VAL A 180 1.37 -22.57 -3.44
C VAL A 180 2.29 -22.67 -2.23
N GLU A 181 3.58 -22.90 -2.48
CA GLU A 181 4.56 -23.02 -1.41
C GLU A 181 4.63 -21.73 -0.58
N PHE A 182 4.65 -20.58 -1.26
CA PHE A 182 4.65 -19.30 -0.53
C PHE A 182 3.35 -19.07 0.24
N ALA A 183 2.21 -19.43 -0.35
CA ALA A 183 0.91 -19.26 0.30
C ALA A 183 0.86 -19.90 1.69
N LYS A 184 1.51 -21.06 1.85
CA LYS A 184 1.54 -21.77 3.14
C LYS A 184 2.27 -20.99 4.25
N VAL A 185 3.34 -20.29 3.88
CA VAL A 185 4.13 -19.56 4.89
C VAL A 185 3.72 -18.10 5.03
N LYS A 186 2.92 -17.58 4.10
CA LYS A 186 2.62 -16.14 4.08
C LYS A 186 2.05 -15.60 5.42
N PRO A 187 1.09 -16.32 6.05
CA PRO A 187 0.52 -15.75 7.29
C PRO A 187 1.58 -15.49 8.35
N ARG A 188 2.48 -16.46 8.51
N ARG A 188 2.49 -16.45 8.55
CA ARG A 188 3.60 -16.34 9.44
CA ARG A 188 3.57 -16.25 9.51
C ARG A 188 4.50 -15.15 9.08
C ARG A 188 4.54 -15.13 9.09
N LYS A 189 4.86 -15.06 7.79
CA LYS A 189 5.75 -13.98 7.31
C LYS A 189 5.17 -12.60 7.59
N VAL A 190 3.87 -12.48 7.30
CA VAL A 190 3.17 -11.20 7.45
C VAL A 190 2.98 -10.87 8.93
N ASN A 191 2.42 -11.82 9.69
CA ASN A 191 2.04 -11.54 11.08
C ASN A 191 3.25 -11.31 11.98
N GLU A 192 4.30 -12.11 11.76
CA GLU A 192 5.54 -11.92 12.54
C GLU A 192 6.24 -10.59 12.24
N ALA A 193 6.22 -10.16 10.98
CA ALA A 193 6.81 -8.87 10.64
C ALA A 193 6.04 -7.75 11.33
N MSE A 194 4.71 -7.85 11.36
CA MSE A 194 3.88 -6.85 12.06
C MSE A 194 4.19 -6.80 13.55
O MSE A 194 4.25 -5.69 14.13
CB MSE A 194 2.39 -7.11 11.83
CG MSE A 194 2.00 -6.92 10.38
SE MSE A 194 0.18 -7.51 10.10
CE MSE A 194 -0.76 -6.10 11.11
N LYS A 195 4.38 -7.95 14.18
CA LYS A 195 4.72 -7.98 15.61
C LYS A 195 6.02 -7.24 15.87
N LEU A 196 7.01 -7.50 15.02
CA LEU A 196 8.31 -6.86 15.17
C LEU A 196 8.21 -5.33 15.01
N PHE A 197 7.62 -4.91 13.89
CA PHE A 197 7.64 -3.47 13.58
C PHE A 197 6.62 -2.66 14.34
N SER A 198 5.84 -3.33 15.19
CA SER A 198 4.98 -2.64 16.15
C SER A 198 5.72 -2.26 17.44
N GLU A 199 6.95 -2.75 17.61
CA GLU A 199 7.75 -2.35 18.79
C GLU A 199 7.96 -0.84 18.81
N PRO A 200 7.86 -0.23 20.02
CA PRO A 200 7.95 1.24 20.12
C PRO A 200 9.21 1.85 19.47
N ARG A 201 10.32 1.10 19.47
CA ARG A 201 11.61 1.64 18.97
C ARG A 201 11.57 2.02 17.49
N PHE A 202 10.61 1.48 16.75
CA PHE A 202 10.48 1.81 15.31
C PHE A 202 9.63 3.03 15.03
N ASN A 203 8.92 3.51 16.04
CA ASN A 203 8.13 4.74 15.95
C ASN A 203 7.16 4.76 14.76
N VAL A 204 6.61 3.59 14.42
CA VAL A 204 5.64 3.53 13.32
C VAL A 204 4.25 4.05 13.78
N ASP A 205 3.58 4.85 12.95
CA ASP A 205 2.21 5.28 13.24
C ASP A 205 1.11 4.37 12.66
N VAL A 206 1.30 3.94 11.42
CA VAL A 206 0.35 3.07 10.73
C VAL A 206 1.11 2.05 9.91
N LEU A 207 0.66 0.80 9.95
CA LEU A 207 1.25 -0.24 9.11
C LEU A 207 0.41 -0.43 7.86
N LYS A 208 1.07 -0.49 6.70
CA LYS A 208 0.39 -0.86 5.47
C LYS A 208 0.88 -2.26 5.11
N VAL A 209 -0.06 -3.21 5.04
CA VAL A 209 0.33 -4.61 5.01
C VAL A 209 -0.46 -5.42 3.97
N GLU A 210 0.06 -6.60 3.66
CA GLU A 210 -0.64 -7.57 2.85
C GLU A 210 -1.71 -8.25 3.69
N VAL A 211 -2.78 -8.70 3.05
CA VAL A 211 -3.65 -9.66 3.73
C VAL A 211 -2.79 -10.93 3.97
N PRO A 212 -3.04 -11.67 5.06
CA PRO A 212 -2.08 -12.68 5.46
C PRO A 212 -2.13 -13.98 4.63
N VAL A 213 -3.16 -14.14 3.80
CA VAL A 213 -3.26 -15.31 2.93
C VAL A 213 -3.22 -14.88 1.47
N ASN A 214 -2.95 -15.84 0.58
CA ASN A 214 -3.18 -15.60 -0.83
C ASN A 214 -4.60 -16.12 -1.12
N MSE A 215 -5.52 -15.19 -1.37
CA MSE A 215 -6.96 -15.52 -1.53
C MSE A 215 -7.24 -16.47 -2.68
O MSE A 215 -8.24 -17.20 -2.69
CB MSE A 215 -7.79 -14.24 -1.70
CG MSE A 215 -7.74 -13.29 -0.50
SE MSE A 215 -8.74 -13.99 1.05
CE MSE A 215 -10.53 -13.89 0.26
N LYS A 216 -6.34 -16.47 -3.65
CA LYS A 216 -6.40 -17.35 -4.84
C LYS A 216 -6.38 -18.83 -4.46
N TYR A 217 -5.96 -19.13 -3.22
CA TYR A 217 -5.88 -20.52 -2.72
C TYR A 217 -6.76 -20.81 -1.51
N VAL A 218 -7.69 -19.89 -1.21
CA VAL A 218 -8.64 -20.10 -0.13
C VAL A 218 -9.87 -20.82 -0.70
N GLU A 219 -10.33 -21.85 0.01
CA GLU A 219 -11.56 -22.57 -0.34
C GLU A 219 -12.69 -21.59 -0.68
N GLY A 220 -13.40 -21.86 -1.78
CA GLY A 220 -14.49 -20.99 -2.20
C GLY A 220 -14.03 -20.01 -3.26
N PHE A 221 -12.86 -19.40 -3.05
CA PHE A 221 -12.26 -18.49 -4.01
C PHE A 221 -11.37 -19.23 -5.00
N ALA A 222 -10.86 -20.39 -4.60
CA ALA A 222 -9.84 -21.10 -5.37
C ALA A 222 -10.41 -21.78 -6.61
N GLU A 223 -9.77 -21.54 -7.76
CA GLU A 223 -10.13 -22.25 -8.99
C GLU A 223 -9.29 -23.52 -9.15
N GLY A 224 -8.15 -23.56 -8.47
CA GLY A 224 -7.26 -24.72 -8.54
C GLY A 224 -7.07 -25.33 -7.17
N GLU A 225 -5.81 -25.58 -6.80
CA GLU A 225 -5.49 -26.15 -5.51
C GLU A 225 -5.96 -25.25 -4.35
N VAL A 226 -6.35 -25.89 -3.25
CA VAL A 226 -6.80 -25.22 -2.05
C VAL A 226 -5.74 -25.39 -0.98
N VAL A 227 -5.20 -24.26 -0.50
CA VAL A 227 -4.17 -24.26 0.53
C VAL A 227 -4.79 -24.08 1.92
N TYR A 228 -5.85 -23.28 2.01
CA TYR A 228 -6.53 -23.10 3.30
C TYR A 228 -8.04 -23.23 3.15
N THR A 229 -8.68 -23.81 4.17
CA THR A 229 -10.13 -23.79 4.24
C THR A 229 -10.57 -22.36 4.61
N LYS A 230 -11.87 -22.09 4.53
CA LYS A 230 -12.36 -20.78 4.96
C LYS A 230 -12.11 -20.51 6.44
N GLU A 231 -12.29 -21.54 7.26
N GLU A 231 -12.28 -21.50 7.31
CA GLU A 231 -12.03 -21.48 8.69
CA GLU A 231 -12.00 -21.27 8.74
C GLU A 231 -10.56 -21.18 9.00
C GLU A 231 -10.50 -21.10 9.00
N GLU A 232 -9.66 -21.82 8.27
CA GLU A 232 -8.20 -21.62 8.41
C GLU A 232 -7.80 -20.21 8.00
N ALA A 233 -8.35 -19.73 6.88
CA ALA A 233 -8.01 -18.39 6.39
C ALA A 233 -8.52 -17.34 7.37
N ALA A 234 -9.74 -17.55 7.88
CA ALA A 234 -10.34 -16.64 8.86
C ALA A 234 -9.47 -16.51 10.10
N GLN A 235 -8.93 -17.63 10.57
CA GLN A 235 -8.04 -17.63 11.73
C GLN A 235 -6.73 -16.85 11.46
N HIS A 236 -6.19 -16.93 10.24
CA HIS A 236 -5.02 -16.13 9.89
C HIS A 236 -5.30 -14.62 9.96
N PHE A 237 -6.52 -14.22 9.60
CA PHE A 237 -6.93 -12.80 9.75
C PHE A 237 -7.08 -12.41 11.21
N LYS A 238 -7.60 -13.31 12.04
N LYS A 238 -7.62 -13.31 12.04
CA LYS A 238 -7.69 -13.08 13.49
CA LYS A 238 -7.68 -13.11 13.50
C LYS A 238 -6.30 -12.92 14.12
C LYS A 238 -6.29 -12.89 14.08
N ASP A 239 -5.36 -13.77 13.71
CA ASP A 239 -3.97 -13.69 14.16
C ASP A 239 -3.32 -12.37 13.71
N GLN A 240 -3.67 -11.92 12.50
CA GLN A 240 -3.11 -10.65 12.00
C GLN A 240 -3.57 -9.49 12.87
N ASP A 241 -4.87 -9.48 13.18
CA ASP A 241 -5.44 -8.45 14.02
C ASP A 241 -4.76 -8.41 15.39
N ALA A 242 -4.44 -9.58 15.94
CA ALA A 242 -3.78 -9.68 17.24
C ALA A 242 -2.28 -9.36 17.19
N ALA A 243 -1.71 -9.32 15.98
CA ALA A 243 -0.26 -9.09 15.84
C ALA A 243 0.17 -7.65 16.11
N THR A 244 -0.76 -6.71 16.13
CA THR A 244 -0.38 -5.29 16.33
C THR A 244 -1.41 -4.51 17.16
N HIS A 245 -0.92 -3.48 17.85
N HIS A 245 -0.94 -3.48 17.86
CA HIS A 245 -1.81 -2.51 18.50
CA HIS A 245 -1.85 -2.51 18.49
C HIS A 245 -2.02 -1.28 17.60
C HIS A 245 -1.85 -1.18 17.72
N LEU A 246 -1.19 -1.17 16.56
CA LEU A 246 -1.23 -0.01 15.66
C LEU A 246 -2.38 -0.10 14.68
N PRO A 247 -2.85 1.05 14.16
CA PRO A 247 -3.75 0.97 13.01
C PRO A 247 -3.05 0.28 11.84
N TYR A 248 -3.80 -0.49 11.06
CA TYR A 248 -3.23 -1.15 9.90
C TYR A 248 -4.20 -1.09 8.75
N ILE A 249 -3.65 -0.95 7.54
CA ILE A 249 -4.45 -0.83 6.32
C ILE A 249 -3.91 -1.81 5.28
N TYR A 250 -4.78 -2.22 4.36
CA TYR A 250 -4.37 -3.20 3.36
C TYR A 250 -4.01 -2.58 2.02
N LEU A 251 -2.96 -3.12 1.42
CA LEU A 251 -2.65 -2.85 0.01
C LEU A 251 -3.36 -3.90 -0.88
N SER A 252 -3.61 -3.55 -2.15
CA SER A 252 -4.39 -4.43 -3.06
C SER A 252 -3.53 -5.51 -3.72
N ALA A 253 -2.22 -5.24 -3.85
CA ALA A 253 -1.28 -6.17 -4.51
C ALA A 253 -1.67 -6.49 -5.95
N GLY A 254 -2.39 -5.58 -6.59
CA GLY A 254 -2.75 -5.74 -8.00
C GLY A 254 -3.79 -6.80 -8.32
N VAL A 255 -4.55 -7.26 -7.33
CA VAL A 255 -5.68 -8.15 -7.63
C VAL A 255 -6.79 -7.36 -8.30
N SER A 256 -7.80 -8.03 -8.84
CA SER A 256 -8.94 -7.32 -9.46
C SER A 256 -9.70 -6.49 -8.42
N ALA A 257 -10.40 -5.46 -8.88
CA ALA A 257 -11.23 -4.66 -8.00
C ALA A 257 -12.23 -5.56 -7.23
N GLU A 258 -12.87 -6.51 -7.93
N GLU A 258 -12.84 -6.50 -7.95
CA GLU A 258 -13.85 -7.39 -7.27
CA GLU A 258 -13.82 -7.44 -7.39
C GLU A 258 -13.24 -8.30 -6.22
C GLU A 258 -13.24 -8.29 -6.26
N LEU A 259 -12.08 -8.90 -6.51
CA LEU A 259 -11.44 -9.76 -5.52
C LEU A 259 -11.00 -8.97 -4.27
N PHE A 260 -10.53 -7.74 -4.48
CA PHE A 260 -10.10 -6.92 -3.35
C PHE A 260 -11.31 -6.62 -2.46
N GLN A 261 -12.43 -6.26 -3.09
CA GLN A 261 -13.67 -6.01 -2.36
C GLN A 261 -14.14 -7.23 -1.55
N GLU A 262 -14.07 -8.42 -2.14
N GLU A 262 -14.09 -8.40 -2.18
CA GLU A 262 -14.49 -9.63 -1.44
CA GLU A 262 -14.43 -9.69 -1.55
C GLU A 262 -13.47 -10.02 -0.36
C GLU A 262 -13.49 -9.96 -0.37
N THR A 263 -12.22 -9.66 -0.56
CA THR A 263 -11.19 -9.86 0.47
C THR A 263 -11.47 -8.99 1.72
N LEU A 264 -11.86 -7.73 1.51
CA LEU A 264 -12.15 -6.85 2.65
C LEU A 264 -13.36 -7.35 3.41
N LYS A 265 -14.35 -7.84 2.68
CA LYS A 265 -15.51 -8.44 3.33
C LYS A 265 -15.12 -9.67 4.15
N PHE A 266 -14.27 -10.51 3.57
CA PHE A 266 -13.81 -11.72 4.25
C PHE A 266 -13.03 -11.36 5.54
N ALA A 267 -12.16 -10.36 5.44
CA ALA A 267 -11.36 -9.88 6.58
C ALA A 267 -12.27 -9.44 7.73
N HIS A 268 -13.25 -8.63 7.35
CA HIS A 268 -14.22 -8.08 8.31
C HIS A 268 -15.02 -9.17 9.02
N GLU A 269 -15.54 -10.13 8.24
CA GLU A 269 -16.28 -11.26 8.83
C GLU A 269 -15.40 -12.17 9.71
N ALA A 270 -14.11 -12.24 9.40
CA ALA A 270 -13.16 -13.04 10.19
C ALA A 270 -12.75 -12.35 11.49
N GLY A 271 -12.99 -11.06 11.61
CA GLY A 271 -12.59 -10.35 12.83
C GLY A 271 -11.31 -9.53 12.73
N ALA A 272 -10.86 -9.23 11.52
CA ALA A 272 -9.76 -8.28 11.39
C ALA A 272 -10.37 -6.88 11.40
N LYS A 273 -10.03 -6.09 12.42
CA LYS A 273 -10.50 -4.69 12.47
C LYS A 273 -9.53 -3.79 11.73
N PHE A 274 -9.39 -4.02 10.43
CA PHE A 274 -8.51 -3.19 9.61
C PHE A 274 -9.11 -1.78 9.51
N ASN A 275 -8.24 -0.80 9.28
CA ASN A 275 -8.59 0.61 9.43
C ASN A 275 -8.66 1.35 8.12
N GLY A 276 -8.72 0.58 7.04
CA GLY A 276 -8.78 1.16 5.71
C GLY A 276 -7.86 0.47 4.74
N VAL A 277 -7.54 1.19 3.65
CA VAL A 277 -6.75 0.64 2.56
C VAL A 277 -5.87 1.73 1.95
N LEU A 278 -4.80 1.30 1.30
CA LEU A 278 -4.11 2.13 0.31
C LEU A 278 -4.20 1.31 -0.97
N CYS A 279 -5.21 1.64 -1.78
CA CYS A 279 -5.56 0.76 -2.90
C CYS A 279 -5.12 1.43 -4.18
N GLY A 280 -4.25 0.74 -4.92
CA GLY A 280 -3.69 1.28 -6.16
C GLY A 280 -4.20 0.57 -7.41
N ARG A 281 -3.49 -0.45 -7.86
N ARG A 281 -3.47 -0.44 -7.86
CA ARG A 281 -3.78 -1.07 -9.16
CA ARG A 281 -3.76 -1.14 -9.11
C ARG A 281 -5.17 -1.70 -9.30
C ARG A 281 -5.20 -1.58 -9.25
N ALA A 282 -5.76 -2.17 -8.20
CA ALA A 282 -7.14 -2.69 -8.26
C ALA A 282 -8.12 -1.61 -8.73
N THR A 283 -7.84 -0.35 -8.41
CA THR A 283 -8.70 0.75 -8.82
C THR A 283 -8.41 1.24 -10.25
N TRP A 284 -7.14 1.57 -10.54
CA TRP A 284 -6.77 2.31 -11.78
C TRP A 284 -6.04 1.55 -12.88
N SER A 285 -5.70 0.28 -12.63
N SER A 285 -5.70 0.28 -12.62
CA SER A 285 -4.85 -0.46 -13.56
CA SER A 285 -4.89 -0.50 -13.56
C SER A 285 -5.29 -0.42 -15.05
C SER A 285 -5.30 -0.38 -15.04
N GLY A 286 -6.61 -0.48 -15.29
CA GLY A 286 -7.14 -0.45 -16.66
C GLY A 286 -6.89 0.83 -17.44
N ALA A 287 -6.61 1.93 -16.73
CA ALA A 287 -6.34 3.22 -17.35
C ALA A 287 -5.01 3.23 -18.12
N VAL A 288 -4.05 2.40 -17.70
CA VAL A 288 -2.71 2.42 -18.30
C VAL A 288 -2.75 2.06 -19.79
N GLN A 289 -3.37 0.93 -20.12
CA GLN A 289 -3.46 0.51 -21.52
C GLN A 289 -4.21 1.54 -22.36
N VAL A 290 -5.27 2.11 -21.79
CA VAL A 290 -6.12 3.06 -22.52
C VAL A 290 -5.31 4.32 -22.83
N TYR A 291 -4.64 4.86 -21.81
CA TYR A 291 -3.79 6.02 -22.01
C TYR A 291 -2.76 5.84 -23.13
N ILE A 292 -2.09 4.70 -23.13
CA ILE A 292 -1.06 4.42 -24.13
C ILE A 292 -1.63 4.22 -25.52
N GLU A 293 -2.68 3.41 -25.62
CA GLU A 293 -3.18 2.99 -26.94
C GLU A 293 -4.22 3.93 -27.52
N GLN A 294 -4.97 4.59 -26.67
N GLN A 294 -4.99 4.59 -26.66
CA GLN A 294 -6.06 5.44 -27.13
CA GLN A 294 -6.10 5.43 -27.12
C GLN A 294 -5.78 6.92 -26.90
C GLN A 294 -5.97 6.92 -26.76
N GLY A 295 -5.07 7.23 -25.83
CA GLY A 295 -4.73 8.61 -25.50
C GLY A 295 -5.32 9.19 -24.22
N GLU A 296 -4.97 10.45 -23.97
CA GLU A 296 -5.36 11.10 -22.73
C GLU A 296 -6.88 11.22 -22.53
N ASP A 297 -7.59 11.71 -23.56
CA ASP A 297 -9.04 11.85 -23.45
C ASP A 297 -9.74 10.54 -23.15
N ALA A 298 -9.34 9.47 -23.83
CA ALA A 298 -9.94 8.15 -23.59
C ALA A 298 -9.62 7.67 -22.18
N ALA A 299 -8.39 7.94 -21.70
CA ALA A 299 -8.03 7.57 -20.33
C ALA A 299 -8.89 8.30 -19.30
N ARG A 300 -9.16 9.58 -19.54
CA ARG A 300 -10.01 10.35 -18.63
C ARG A 300 -11.41 9.76 -18.62
N GLU A 301 -11.89 9.37 -19.80
CA GLU A 301 -13.20 8.75 -19.92
C GLU A 301 -13.26 7.41 -19.17
N TRP A 302 -12.21 6.60 -19.31
CA TRP A 302 -12.11 5.35 -18.53
C TRP A 302 -12.18 5.69 -17.03
N LEU A 303 -11.40 6.68 -16.60
CA LEU A 303 -11.36 7.03 -15.17
C LEU A 303 -12.72 7.53 -14.64
N ARG A 304 -13.48 8.19 -15.50
CA ARG A 304 -14.82 8.69 -15.12
C ARG A 304 -15.91 7.64 -15.10
N THR A 305 -15.62 6.47 -15.66
CA THR A 305 -16.62 5.42 -15.76
C THR A 305 -16.17 4.22 -14.95
N THR A 306 -15.26 3.42 -15.49
CA THR A 306 -14.74 2.24 -14.80
C THR A 306 -13.91 2.59 -13.55
N GLY A 307 -13.03 3.60 -13.66
CA GLY A 307 -12.23 4.03 -12.50
C GLY A 307 -13.14 4.45 -11.35
N PHE A 308 -14.10 5.31 -11.69
CA PHE A 308 -15.09 5.76 -10.72
C PHE A 308 -15.86 4.56 -10.15
N LYS A 309 -16.33 3.65 -11.00
CA LYS A 309 -17.04 2.46 -10.49
C LYS A 309 -16.15 1.69 -9.50
N ASN A 310 -14.87 1.51 -9.84
CA ASN A 310 -13.98 0.73 -8.97
C ASN A 310 -13.79 1.37 -7.60
N ILE A 311 -13.56 2.69 -7.57
CA ILE A 311 -13.30 3.36 -6.28
C ILE A 311 -14.61 3.57 -5.48
N ASP A 312 -15.71 3.83 -6.18
CA ASP A 312 -17.01 3.94 -5.54
C ASP A 312 -17.46 2.61 -4.93
N ASP A 313 -17.30 1.51 -5.67
CA ASP A 313 -17.62 0.17 -5.15
C ASP A 313 -16.76 -0.14 -3.91
N LEU A 314 -15.48 0.18 -4.00
CA LEU A 314 -14.58 0.05 -2.85
C LEU A 314 -15.04 0.86 -1.64
N ASN A 315 -15.41 2.13 -1.86
CA ASN A 315 -15.88 2.99 -0.76
C ASN A 315 -17.14 2.44 -0.08
N LYS A 316 -18.03 1.86 -0.89
CA LYS A 316 -19.24 1.21 -0.33
C LYS A 316 -18.89 0.02 0.55
N VAL A 317 -17.93 -0.80 0.12
CA VAL A 317 -17.45 -1.92 0.93
C VAL A 317 -16.75 -1.42 2.20
N LEU A 318 -15.88 -0.42 2.06
CA LEU A 318 -15.21 0.18 3.26
C LEU A 318 -16.22 0.67 4.30
N LYS A 319 -17.29 1.33 3.85
CA LYS A 319 -18.32 1.83 4.77
C LYS A 319 -18.87 0.69 5.65
N ASP A 320 -18.98 -0.51 5.08
CA ASP A 320 -19.54 -1.65 5.81
C ASP A 320 -18.51 -2.48 6.58
N THR A 321 -17.22 -2.27 6.30
CA THR A 321 -16.21 -3.24 6.76
C THR A 321 -15.07 -2.65 7.60
N ALA A 322 -14.73 -1.39 7.35
CA ALA A 322 -13.53 -0.77 7.96
C ALA A 322 -13.83 -0.07 9.29
N THR A 323 -12.78 0.09 10.12
CA THR A 323 -12.90 0.63 11.48
C THR A 323 -12.04 1.89 11.58
N SER A 324 -12.53 2.90 12.28
CA SER A 324 -11.76 4.13 12.50
C SER A 324 -10.35 3.80 12.98
N TRP A 325 -9.36 4.52 12.46
CA TRP A 325 -7.98 4.37 12.95
C TRP A 325 -7.84 4.66 14.44
N LYS A 326 -8.79 5.41 15.01
CA LYS A 326 -8.76 5.76 16.44
C LYS A 326 -9.28 4.67 17.39
N GLN A 327 -9.86 3.60 16.87
CA GLN A 327 -10.39 2.53 17.72
C GLN A 327 -9.26 1.86 18.53
N ARG A 328 -9.52 1.66 19.81
CA ARG A 328 -8.57 1.01 20.71
C ARG A 328 -9.01 -0.40 21.12
N LYS A 329 -8.03 -1.30 21.24
CA LYS A 329 -8.22 -2.64 21.78
C LYS A 329 -8.68 -2.60 23.24
S SO4 B . 7.32 0.19 -7.23
O1 SO4 B . 6.07 0.48 -6.52
O2 SO4 B . 7.15 0.55 -8.61
O3 SO4 B . 8.41 0.97 -6.59
O4 SO4 B . 7.65 -1.22 -7.07
S SO4 C . -1.37 -1.62 -4.76
O1 SO4 C . -2.75 -1.52 -4.22
O2 SO4 C . -1.42 -1.81 -6.23
O3 SO4 C . -0.69 -0.38 -4.44
O4 SO4 C . -0.67 -2.77 -4.17
ZN ZN D . -20.33 -6.40 9.65
ZN ZN E . -2.11 -3.57 -25.13
ZN ZN F . 2.57 -0.10 -1.87
C1 GOL G . 15.50 -1.95 -1.90
O1 GOL G . 16.60 -2.88 -1.83
C2 GOL G . 16.01 -0.50 -1.97
O2 GOL G . 16.59 -0.23 -3.24
C3 GOL G . 14.89 0.53 -1.72
O3 GOL G . 14.56 0.52 -0.36
S SO4 H . 17.39 7.83 -6.48
O1 SO4 H . 16.91 8.92 -7.35
O2 SO4 H . 16.60 6.62 -6.81
O3 SO4 H . 18.81 7.52 -6.79
O4 SO4 H . 17.25 8.20 -5.14
C1 GOL I . 3.08 6.70 18.41
C1 GOL I . 3.14 5.84 18.12
O1 GOL I . 1.89 7.35 18.81
O1 GOL I . 2.56 5.18 17.03
C2 GOL I . 4.20 7.68 18.03
C2 GOL I . 3.93 7.08 17.71
O2 GOL I . 3.91 8.44 16.87
O2 GOL I . 3.12 8.16 17.28
C3 GOL I . 5.50 6.91 17.80
C3 GOL I . 4.97 6.78 16.65
O3 GOL I . 6.56 7.81 18.04
O3 GOL I . 5.90 7.84 16.66
C1 GOL J . 23.10 2.63 -0.68
O1 GOL J . 22.68 1.59 -1.53
C2 GOL J . 24.24 3.43 -1.29
O2 GOL J . 23.90 3.90 -2.58
C3 GOL J . 25.50 2.57 -1.29
O3 GOL J . 25.85 2.32 0.06
#